data_2E98
#
_entry.id   2E98
#
_cell.length_a   64.985
_cell.length_b   67.757
_cell.length_c   110.713
_cell.angle_alpha   90.00
_cell.angle_beta   90.00
_cell.angle_gamma   90.00
#
_symmetry.space_group_name_H-M   'P 21 21 21'
#
loop_
_entity.id
_entity.type
_entity.pdbx_description
1 polymer 'Undecaprenyl pyrophosphate synthetase'
2 non-polymer '[2-(3-DIBENZOFURAN-4-YL-PHENYL)-1-HYDROXY-1-PHOSPHONO-ETHYL]-PHOSPHONIC ACID'
3 water water
#
_entity_poly.entity_id   1
_entity_poly.type   'polypeptide(L)'
_entity_poly.pdbx_seq_one_letter_code
;MMLSATQPLSEKLPAHGCRHVAIIMDGNGRWAKKQGKIRAFGHKAGAKSVRRAVSFAANNGIEALTLYAFSSENWNRPAQ
EVSALMELFVWALDSEVKSLHRHNVRLRIIGDTSRFNSRLQERIRKSEALTAGNTGLTLNIAANYGGRWDIVQGVRQLAE
KVQQGNLQPDQIDEEMLNQHVCMHELAPVDLVIRTGGEHRISNFLLWQIAYAELYFTDVLWPDFDEQDFEGALNAFANRE
RRFGGTEPGDETA
;
_entity_poly.pdbx_strand_id   A,B
#
# COMPACT_ATOMS: atom_id res chain seq x y z
N ALA A 15 -2.33 -8.63 25.03
CA ALA A 15 -1.43 -9.73 24.57
C ALA A 15 -1.24 -9.76 23.07
N HIS A 16 -2.22 -9.19 22.35
CA HIS A 16 -2.12 -9.16 20.88
C HIS A 16 -1.07 -8.15 20.47
N GLY A 17 -0.83 -7.14 21.30
CA GLY A 17 0.20 -6.15 21.02
C GLY A 17 -0.12 -5.23 19.84
N CYS A 18 -1.41 -5.19 19.49
CA CYS A 18 -1.84 -4.39 18.37
C CYS A 18 -2.37 -3.04 18.84
N ARG A 19 -1.72 -1.94 18.50
CA ARG A 19 -2.27 -0.67 18.98
C ARG A 19 -3.27 0.02 18.07
N HIS A 20 -3.15 -0.21 16.76
CA HIS A 20 -3.99 0.53 15.81
C HIS A 20 -4.30 -0.44 14.69
N VAL A 21 -5.60 -0.68 14.50
CA VAL A 21 -6.11 -1.55 13.45
C VAL A 21 -6.90 -0.69 12.47
N ALA A 22 -6.75 -0.98 11.15
CA ALA A 22 -7.48 -0.30 10.08
C ALA A 22 -8.26 -1.42 9.37
N ILE A 23 -9.51 -1.14 9.05
CA ILE A 23 -10.28 -2.18 8.38
C ILE A 23 -10.90 -1.66 7.11
N ILE A 24 -10.72 -2.41 6.00
CA ILE A 24 -11.36 -2.08 4.76
C ILE A 24 -12.60 -2.98 4.81
N MET A 25 -13.76 -2.40 5.07
CA MET A 25 -14.99 -3.16 5.14
C MET A 25 -15.59 -3.38 3.75
N ASP A 26 -16.06 -4.60 3.46
CA ASP A 26 -16.63 -4.86 2.14
C ASP A 26 -17.50 -6.11 2.26
N GLY A 27 -18.48 -6.17 1.38
CA GLY A 27 -19.33 -7.35 1.30
C GLY A 27 -20.81 -7.18 1.69
N ASN A 28 -21.22 -5.97 2.05
CA ASN A 28 -22.57 -5.79 2.49
C ASN A 28 -23.61 -6.08 1.42
N GLY A 29 -23.39 -5.56 0.22
CA GLY A 29 -24.34 -5.78 -0.89
C GLY A 29 -24.42 -7.29 -1.25
N ARG A 30 -23.27 -7.95 -1.33
CA ARG A 30 -23.27 -9.37 -1.64
C ARG A 30 -23.96 -10.14 -0.54
N TRP A 31 -23.76 -9.72 0.72
CA TRP A 31 -24.40 -10.38 1.84
C TRP A 31 -25.94 -10.32 1.71
N ALA A 32 -26.45 -9.13 1.38
CA ALA A 32 -27.90 -8.97 1.23
C ALA A 32 -28.40 -9.81 0.08
N LYS A 33 -27.69 -9.69 -1.05
CA LYS A 33 -28.02 -10.42 -2.28
C LYS A 33 -28.22 -11.90 -1.98
N LYS A 34 -27.31 -12.49 -1.23
CA LYS A 34 -27.41 -13.90 -0.87
C LYS A 34 -28.66 -14.23 -0.03
N GLN A 35 -29.13 -13.28 0.75
CA GLN A 35 -30.32 -13.47 1.59
C GLN A 35 -31.61 -13.20 0.75
N GLY A 36 -31.48 -12.73 -0.48
CA GLY A 36 -32.65 -12.40 -1.28
C GLY A 36 -33.25 -11.05 -0.85
N LYS A 37 -32.39 -10.18 -0.30
CA LYS A 37 -32.76 -8.87 0.21
C LYS A 37 -32.12 -7.74 -0.59
N ILE A 38 -32.76 -6.57 -0.61
CA ILE A 38 -32.16 -5.48 -1.35
C ILE A 38 -30.93 -4.89 -0.62
N ARG A 39 -30.13 -4.17 -1.37
CA ARG A 39 -28.92 -3.56 -0.81
C ARG A 39 -29.08 -2.84 0.51
N ALA A 40 -30.19 -2.09 0.67
CA ALA A 40 -30.43 -1.34 1.89
C ALA A 40 -30.41 -2.20 3.13
N PHE A 41 -30.84 -3.44 3.01
CA PHE A 41 -30.86 -4.33 4.18
C PHE A 41 -29.37 -4.68 4.51
N GLY A 42 -28.55 -4.67 3.48
CA GLY A 42 -27.14 -4.97 3.70
C GLY A 42 -26.50 -3.81 4.47
N HIS A 43 -26.88 -2.59 4.08
CA HIS A 43 -26.33 -1.43 4.76
C HIS A 43 -26.73 -1.49 6.22
N LYS A 44 -27.95 -1.96 6.48
CA LYS A 44 -28.42 -2.02 7.86
C LYS A 44 -27.62 -3.00 8.70
N ALA A 45 -27.42 -4.18 8.15
CA ALA A 45 -26.66 -5.20 8.83
C ALA A 45 -25.18 -4.74 8.95
N GLY A 46 -24.69 -4.00 7.94
CA GLY A 46 -23.31 -3.55 8.01
C GLY A 46 -23.13 -2.52 9.11
N ALA A 47 -24.16 -1.69 9.33
CA ALA A 47 -24.02 -0.70 10.41
C ALA A 47 -23.90 -1.42 11.76
N LYS A 48 -24.67 -2.48 11.90
CA LYS A 48 -24.64 -3.25 13.13
C LYS A 48 -23.25 -3.86 13.31
N SER A 49 -22.65 -4.27 12.21
CA SER A 49 -21.32 -4.86 12.29
C SER A 49 -20.25 -3.80 12.64
N VAL A 50 -20.45 -2.59 12.18
CA VAL A 50 -19.53 -1.53 12.54
C VAL A 50 -19.58 -1.29 14.07
N ARG A 51 -20.78 -1.22 14.62
CA ARG A 51 -20.94 -0.99 16.06
C ARG A 51 -20.29 -2.07 16.84
N ARG A 52 -20.44 -3.28 16.34
CA ARG A 52 -19.89 -4.43 17.00
C ARG A 52 -18.35 -4.46 16.97
N ALA A 53 -17.75 -4.06 15.84
CA ALA A 53 -16.27 -4.04 15.72
C ALA A 53 -15.70 -2.91 16.60
N VAL A 54 -16.43 -1.78 16.66
CA VAL A 54 -15.95 -0.64 17.46
C VAL A 54 -16.00 -1.10 18.94
N SER A 55 -17.11 -1.73 19.33
CA SER A 55 -17.28 -2.23 20.70
C SER A 55 -16.18 -3.19 21.06
N PHE A 56 -15.90 -4.12 20.15
CA PHE A 56 -14.85 -5.10 20.39
C PHE A 56 -13.52 -4.38 20.58
N ALA A 57 -13.20 -3.49 19.66
CA ALA A 57 -11.91 -2.78 19.76
C ALA A 57 -11.75 -2.07 21.13
N ALA A 58 -12.79 -1.33 21.54
CA ALA A 58 -12.73 -0.58 22.79
C ALA A 58 -12.50 -1.52 23.97
N ASN A 59 -13.25 -2.61 24.02
CA ASN A 59 -13.11 -3.56 25.12
C ASN A 59 -11.84 -4.38 25.05
N ASN A 60 -11.14 -4.35 23.94
CA ASN A 60 -9.92 -5.13 23.85
C ASN A 60 -8.62 -4.35 23.86
N GLY A 61 -8.69 -3.14 24.41
CA GLY A 61 -7.53 -2.25 24.53
C GLY A 61 -6.84 -1.80 23.27
N ILE A 62 -7.54 -1.85 22.15
CA ILE A 62 -6.95 -1.38 20.90
C ILE A 62 -6.96 0.12 21.08
N GLU A 63 -5.88 0.83 20.75
CA GLU A 63 -5.92 2.30 20.95
C GLU A 63 -6.61 3.06 19.85
N ALA A 64 -6.42 2.60 18.61
CA ALA A 64 -7.06 3.27 17.48
C ALA A 64 -7.62 2.26 16.50
N LEU A 65 -8.80 2.61 15.96
CA LEU A 65 -9.45 1.73 14.97
C LEU A 65 -9.78 2.66 13.80
N THR A 66 -9.33 2.36 12.59
CA THR A 66 -9.61 3.26 11.47
C THR A 66 -10.50 2.46 10.48
N LEU A 67 -11.63 3.03 10.02
CA LEU A 67 -12.56 2.28 9.14
C LEU A 67 -12.80 2.89 7.75
N TYR A 68 -12.75 2.05 6.71
CA TYR A 68 -12.92 2.54 5.36
C TYR A 68 -14.01 1.71 4.73
N ALA A 69 -15.07 2.37 4.26
CA ALA A 69 -16.17 1.63 3.60
C ALA A 69 -15.82 1.50 2.11
N PHE A 70 -15.50 0.29 1.62
CA PHE A 70 -15.16 0.13 0.20
C PHE A 70 -16.47 -0.11 -0.52
N SER A 71 -16.74 0.68 -1.54
CA SER A 71 -18.02 0.54 -2.25
C SER A 71 -17.86 -0.16 -3.58
N SER A 72 -18.47 -1.33 -3.65
CA SER A 72 -18.50 -2.21 -4.81
C SER A 72 -19.62 -1.66 -5.76
N GLU A 73 -20.59 -0.93 -5.21
CA GLU A 73 -21.64 -0.40 -6.09
C GLU A 73 -21.40 1.01 -6.67
N ASN A 74 -20.53 1.79 -6.03
CA ASN A 74 -20.27 3.16 -6.46
C ASN A 74 -20.00 3.35 -7.94
N TRP A 75 -19.43 2.34 -8.60
CA TRP A 75 -19.14 2.45 -10.03
C TRP A 75 -20.43 2.61 -10.85
N ASN A 76 -21.51 1.98 -10.39
CA ASN A 76 -22.80 2.03 -11.05
C ASN A 76 -23.68 3.20 -10.59
N ARG A 77 -23.11 4.07 -9.79
CA ARG A 77 -23.86 5.20 -9.27
C ARG A 77 -23.34 6.48 -9.93
N PRO A 78 -24.26 7.35 -10.40
CA PRO A 78 -23.79 8.61 -11.02
C PRO A 78 -23.00 9.41 -9.99
N ALA A 79 -21.98 10.13 -10.45
CA ALA A 79 -21.11 10.92 -9.56
C ALA A 79 -21.83 11.89 -8.61
N GLN A 80 -22.99 12.41 -9.03
CA GLN A 80 -23.77 13.35 -8.25
C GLN A 80 -24.58 12.66 -7.13
N GLU A 81 -24.79 11.35 -7.25
CA GLU A 81 -25.51 10.61 -6.20
C GLU A 81 -24.47 10.35 -5.10
N VAL A 82 -23.27 9.99 -5.54
CA VAL A 82 -22.17 9.73 -4.62
C VAL A 82 -22.06 10.92 -3.67
N SER A 83 -21.91 12.10 -4.28
CA SER A 83 -21.81 13.34 -3.53
C SER A 83 -22.89 13.49 -2.48
N ALA A 84 -24.14 13.29 -2.88
CA ALA A 84 -25.23 13.40 -1.94
C ALA A 84 -25.11 12.30 -0.87
N LEU A 85 -24.49 11.18 -1.24
CA LEU A 85 -24.29 10.08 -0.31
C LEU A 85 -23.33 10.51 0.79
N MET A 86 -22.38 11.37 0.45
CA MET A 86 -21.43 11.88 1.45
C MET A 86 -22.16 12.76 2.47
N GLU A 87 -23.21 13.44 2.02
CA GLU A 87 -24.01 14.31 2.89
C GLU A 87 -24.84 13.56 3.91
N LEU A 88 -25.45 12.46 3.48
CA LEU A 88 -26.27 11.65 4.37
C LEU A 88 -25.34 11.08 5.42
N PHE A 89 -24.13 10.76 5.01
CA PHE A 89 -23.17 10.20 5.95
C PHE A 89 -22.94 11.19 7.09
N VAL A 90 -22.61 12.43 6.76
CA VAL A 90 -22.36 13.43 7.80
C VAL A 90 -23.64 13.63 8.61
N TRP A 91 -24.75 13.68 7.92
CA TRP A 91 -26.01 13.84 8.61
C TRP A 91 -26.22 12.73 9.64
N ALA A 92 -26.02 11.48 9.25
CA ALA A 92 -26.22 10.38 10.19
C ALA A 92 -25.22 10.47 11.33
N LEU A 93 -24.06 11.04 11.01
CA LEU A 93 -22.97 11.21 11.94
C LEU A 93 -23.24 12.28 12.99
N ASP A 94 -24.50 12.69 13.17
CA ASP A 94 -24.83 13.67 14.19
C ASP A 94 -25.57 12.96 15.29
N SER A 95 -26.17 11.84 14.95
CA SER A 95 -26.86 11.09 15.95
C SER A 95 -25.88 10.08 16.51
N GLU A 96 -25.04 9.55 15.63
CA GLU A 96 -24.12 8.53 16.08
C GLU A 96 -23.07 9.08 17.03
N VAL A 97 -22.63 10.32 16.83
CA VAL A 97 -21.63 10.88 17.73
C VAL A 97 -22.09 10.85 19.20
N LYS A 98 -23.37 11.14 19.43
CA LYS A 98 -23.90 11.14 20.80
C LYS A 98 -23.60 9.78 21.45
N SER A 99 -23.85 8.73 20.69
CA SER A 99 -23.60 7.41 21.21
C SER A 99 -22.09 7.14 21.38
N LEU A 100 -21.27 7.59 20.43
CA LEU A 100 -19.82 7.37 20.50
C LEU A 100 -19.30 8.09 21.77
N HIS A 101 -19.81 9.31 21.94
CA HIS A 101 -19.38 10.10 23.09
C HIS A 101 -19.76 9.44 24.43
N ARG A 102 -20.96 8.87 24.51
CA ARG A 102 -21.38 8.16 25.73
C ARG A 102 -20.44 6.99 26.00
N HIS A 103 -19.88 6.41 24.94
CA HIS A 103 -18.97 5.29 25.12
C HIS A 103 -17.50 5.69 25.19
N ASN A 104 -17.22 6.98 25.40
CA ASN A 104 -15.84 7.46 25.59
C ASN A 104 -14.92 7.28 24.40
N VAL A 105 -15.50 7.36 23.20
CA VAL A 105 -14.80 7.20 21.97
C VAL A 105 -14.41 8.56 21.45
N ARG A 106 -13.16 8.70 21.00
CA ARG A 106 -12.70 9.94 20.42
C ARG A 106 -12.85 9.79 18.89
N LEU A 107 -13.63 10.67 18.27
CA LEU A 107 -13.87 10.54 16.83
C LEU A 107 -13.09 11.48 15.93
N ARG A 108 -12.56 10.94 14.83
CA ARG A 108 -11.86 11.77 13.87
C ARG A 108 -12.36 11.35 12.50
N ILE A 109 -12.48 12.31 11.61
CA ILE A 109 -12.89 12.00 10.24
C ILE A 109 -11.62 12.20 9.44
N ILE A 110 -11.23 11.26 8.57
CA ILE A 110 -10.05 11.52 7.75
C ILE A 110 -10.56 11.50 6.30
N GLY A 111 -10.00 12.35 5.46
CA GLY A 111 -10.49 12.40 4.11
C GLY A 111 -10.58 13.85 3.62
N ASP A 112 -10.88 14.04 2.36
CA ASP A 112 -10.94 15.40 1.81
C ASP A 112 -12.29 16.04 2.07
N THR A 113 -12.44 16.68 3.22
CA THR A 113 -13.76 17.29 3.51
C THR A 113 -13.84 18.79 3.18
N SER A 114 -12.81 19.30 2.53
CA SER A 114 -12.74 20.73 2.17
C SER A 114 -13.86 21.27 1.24
N ARG A 115 -14.46 20.39 0.44
CA ARG A 115 -15.52 20.78 -0.51
C ARG A 115 -16.95 20.56 0.03
N PHE A 116 -17.05 19.93 1.19
CA PHE A 116 -18.36 19.72 1.78
C PHE A 116 -18.88 21.13 2.14
N ASN A 117 -20.19 21.27 2.21
CA ASN A 117 -20.73 22.58 2.54
C ASN A 117 -20.42 22.90 4.00
N SER A 118 -20.35 24.22 4.27
CA SER A 118 -19.98 24.74 5.57
C SER A 118 -20.73 24.12 6.73
N ARG A 119 -22.02 23.87 6.56
CA ARG A 119 -22.82 23.25 7.59
C ARG A 119 -22.25 21.86 7.96
N LEU A 120 -21.87 21.07 6.96
CA LEU A 120 -21.28 19.72 7.22
C LEU A 120 -19.94 19.84 7.93
N GLN A 121 -19.07 20.68 7.37
CA GLN A 121 -17.76 20.91 7.94
C GLN A 121 -17.92 21.31 9.38
N GLU A 122 -18.92 22.16 9.68
CA GLU A 122 -19.15 22.58 11.07
C GLU A 122 -19.55 21.37 11.92
N ARG A 123 -20.53 20.59 11.45
CA ARG A 123 -20.97 19.37 12.16
C ARG A 123 -19.80 18.42 12.46
N ILE A 124 -18.93 18.23 11.48
CA ILE A 124 -17.76 17.39 11.65
C ILE A 124 -16.81 17.95 12.73
N ARG A 125 -16.48 19.23 12.63
CA ARG A 125 -15.56 19.77 13.61
C ARG A 125 -16.21 19.71 14.96
N LYS A 126 -17.47 20.06 15.06
CA LYS A 126 -18.08 20.02 16.36
C LYS A 126 -18.05 18.60 16.94
N SER A 127 -18.18 17.59 16.08
CA SER A 127 -18.18 16.19 16.57
C SER A 127 -16.83 15.77 17.06
N GLU A 128 -15.79 16.25 16.39
CA GLU A 128 -14.44 15.91 16.81
C GLU A 128 -14.11 16.70 18.11
N ALA A 129 -14.56 17.96 18.16
CA ALA A 129 -14.28 18.78 19.36
C ALA A 129 -14.97 18.18 20.60
N LEU A 130 -16.24 17.82 20.45
CA LEU A 130 -16.95 17.22 21.54
C LEU A 130 -16.23 16.00 22.13
N THR A 131 -15.67 15.14 21.26
CA THR A 131 -15.09 13.91 21.75
C THR A 131 -13.56 13.90 21.90
N ALA A 132 -12.94 15.03 21.57
CA ALA A 132 -11.47 15.09 21.58
C ALA A 132 -10.82 14.74 22.88
N GLY A 133 -11.54 15.00 23.97
CA GLY A 133 -11.02 14.73 25.30
C GLY A 133 -11.32 13.32 25.84
N ASN A 134 -12.04 12.50 25.06
CA ASN A 134 -12.34 11.18 25.57
C ASN A 134 -11.07 10.32 25.59
N THR A 135 -11.02 9.43 26.54
CA THR A 135 -9.85 8.62 26.77
C THR A 135 -10.01 7.18 26.32
N GLY A 136 -11.12 6.88 25.66
CA GLY A 136 -11.31 5.52 25.22
C GLY A 136 -10.69 5.32 23.83
N LEU A 137 -11.32 4.49 23.03
CA LEU A 137 -10.83 4.17 21.69
C LEU A 137 -10.85 5.42 20.83
N THR A 138 -9.83 5.59 19.97
CA THR A 138 -9.85 6.64 19.03
C THR A 138 -10.37 5.99 17.74
N LEU A 139 -11.49 6.48 17.23
CA LEU A 139 -12.12 5.94 16.01
C LEU A 139 -11.93 6.91 14.84
N ASN A 140 -11.24 6.45 13.81
CA ASN A 140 -11.00 7.29 12.64
C ASN A 140 -11.92 6.78 11.51
N ILE A 141 -12.79 7.67 11.00
CA ILE A 141 -13.66 7.23 9.93
C ILE A 141 -13.22 7.92 8.65
N ALA A 142 -13.04 7.12 7.59
CA ALA A 142 -12.66 7.68 6.29
C ALA A 142 -13.89 8.16 5.58
N ALA A 143 -13.81 9.37 5.02
CA ALA A 143 -14.91 10.03 4.29
C ALA A 143 -14.23 10.78 3.16
N ASN A 144 -14.49 10.37 1.93
CA ASN A 144 -13.86 10.98 0.76
C ASN A 144 -12.34 10.86 0.92
N TYR A 145 -11.92 9.69 1.39
CA TYR A 145 -10.48 9.47 1.60
C TYR A 145 -9.84 8.69 0.46
N GLY A 146 -8.60 8.98 0.19
CA GLY A 146 -7.78 8.28 -0.83
C GLY A 146 -6.33 8.33 -0.30
N GLY A 147 -5.58 7.22 -0.36
CA GLY A 147 -4.25 7.26 0.17
C GLY A 147 -3.35 8.14 -0.71
N ARG A 148 -3.62 8.17 -2.00
CA ARG A 148 -2.77 9.06 -2.84
C ARG A 148 -3.09 10.54 -2.54
N TRP A 149 -4.36 10.84 -2.35
CA TRP A 149 -4.78 12.21 -2.02
C TRP A 149 -4.12 12.60 -0.69
N ASP A 150 -4.11 11.67 0.26
CA ASP A 150 -3.54 11.89 1.57
C ASP A 150 -2.07 12.34 1.42
N ILE A 151 -1.27 11.59 0.67
CA ILE A 151 0.11 11.94 0.43
C ILE A 151 0.18 13.30 -0.27
N VAL A 152 -0.68 13.52 -1.26
CA VAL A 152 -0.70 14.78 -2.01
C VAL A 152 -1.07 16.01 -1.13
N GLN A 153 -2.01 15.89 -0.22
CA GLN A 153 -2.31 17.04 0.62
C GLN A 153 -1.11 17.34 1.53
N GLY A 154 -0.35 16.30 1.89
CA GLY A 154 0.78 16.57 2.76
C GLY A 154 1.83 17.25 1.91
N VAL A 155 1.99 16.78 0.67
CA VAL A 155 2.96 17.38 -0.21
C VAL A 155 2.66 18.88 -0.44
N ARG A 156 1.39 19.21 -0.55
CA ARG A 156 0.99 20.58 -0.79
C ARG A 156 1.38 21.44 0.38
N GLN A 157 1.18 20.95 1.59
CA GLN A 157 1.55 21.72 2.75
C GLN A 157 3.03 22.04 2.72
N LEU A 158 3.85 21.06 2.34
CA LEU A 158 5.28 21.28 2.27
C LEU A 158 5.62 22.24 1.12
N ALA A 159 4.94 22.07 -0.01
CA ALA A 159 5.17 22.95 -1.14
C ALA A 159 4.89 24.41 -0.75
N GLU A 160 3.86 24.63 0.07
CA GLU A 160 3.52 25.99 0.54
C GLU A 160 4.68 26.57 1.35
N LYS A 161 5.30 25.77 2.22
CA LYS A 161 6.42 26.24 3.00
C LYS A 161 7.58 26.60 2.06
N VAL A 162 7.84 25.75 1.06
CA VAL A 162 8.88 26.00 0.07
C VAL A 162 8.59 27.33 -0.63
N GLN A 163 7.35 27.54 -1.02
CA GLN A 163 7.04 28.77 -1.70
C GLN A 163 7.31 30.00 -0.82
N GLN A 164 6.88 29.92 0.46
CA GLN A 164 7.07 30.99 1.44
C GLN A 164 8.54 31.31 1.63
N GLY A 165 9.40 30.34 1.34
CA GLY A 165 10.81 30.59 1.49
C GLY A 165 11.32 30.01 2.79
N ASN A 166 10.44 29.35 3.54
CA ASN A 166 10.83 28.74 4.81
C ASN A 166 11.35 27.30 4.73
N LEU A 167 11.40 26.72 3.53
CA LEU A 167 11.83 25.35 3.39
C LEU A 167 12.52 25.14 2.06
N GLN A 168 13.69 24.52 2.10
CA GLN A 168 14.44 24.22 0.88
C GLN A 168 14.08 22.79 0.47
N PRO A 169 13.88 22.56 -0.85
CA PRO A 169 13.52 21.23 -1.38
C PRO A 169 14.45 20.14 -0.82
N ASP A 170 15.74 20.43 -0.73
CA ASP A 170 16.65 19.41 -0.21
C ASP A 170 16.44 19.10 1.27
N GLN A 171 15.62 19.88 1.95
CA GLN A 171 15.35 19.59 3.38
C GLN A 171 14.23 18.56 3.59
N ILE A 172 13.44 18.34 2.55
CA ILE A 172 12.31 17.39 2.61
C ILE A 172 12.78 15.92 2.70
N ASP A 173 12.38 15.25 3.77
CA ASP A 173 12.72 13.84 3.89
C ASP A 173 11.48 13.09 4.37
N GLU A 174 11.61 11.80 4.62
CA GLU A 174 10.45 10.99 5.00
C GLU A 174 9.84 11.44 6.29
N GLU A 175 10.71 11.64 7.24
CA GLU A 175 10.28 12.03 8.56
C GLU A 175 9.46 13.30 8.43
N MET A 176 9.86 14.26 7.59
CA MET A 176 9.08 15.48 7.44
C MET A 176 7.71 15.29 6.71
N LEU A 177 7.68 14.51 5.61
CA LEU A 177 6.43 14.29 4.88
C LEU A 177 5.45 13.52 5.82
N ASN A 178 6.02 12.62 6.62
CA ASN A 178 5.26 11.83 7.58
C ASN A 178 4.50 12.68 8.56
N GLN A 179 5.07 13.82 8.95
CA GLN A 179 4.40 14.69 9.87
C GLN A 179 3.20 15.37 9.28
N HIS A 180 3.01 15.21 7.97
CA HIS A 180 1.90 15.84 7.30
C HIS A 180 0.86 14.90 6.65
N VAL A 181 0.94 13.59 6.90
CA VAL A 181 -0.10 12.70 6.32
C VAL A 181 -1.10 12.43 7.43
N CYS A 182 -2.31 11.94 7.11
CA CYS A 182 -3.33 11.68 8.14
C CYS A 182 -2.88 10.70 9.21
N MET A 183 -3.34 10.97 10.43
CA MET A 183 -3.06 10.14 11.61
C MET A 183 -1.61 10.11 12.08
N HIS A 184 -0.79 11.04 11.62
CA HIS A 184 0.63 11.03 12.03
C HIS A 184 0.78 11.17 13.57
N GLU A 185 -0.21 11.75 14.20
CA GLU A 185 -0.13 11.92 15.64
C GLU A 185 -0.53 10.68 16.44
N LEU A 186 -1.06 9.63 15.77
CA LEU A 186 -1.45 8.39 16.47
C LEU A 186 -0.43 7.27 16.28
N ALA A 187 -0.57 6.20 17.06
CA ALA A 187 0.33 5.04 16.91
C ALA A 187 0.25 4.62 15.45
N PRO A 188 1.36 4.10 14.91
CA PRO A 188 1.31 3.67 13.51
C PRO A 188 0.37 2.47 13.35
N VAL A 189 -0.21 2.34 12.16
CA VAL A 189 -1.10 1.20 11.87
C VAL A 189 -0.30 -0.07 11.92
N ASP A 190 -0.75 -1.00 12.75
CA ASP A 190 -0.05 -2.26 12.94
C ASP A 190 -0.69 -3.37 12.09
N LEU A 191 -1.98 -3.22 11.81
CA LEU A 191 -2.67 -4.33 11.13
C LEU A 191 -3.78 -3.73 10.27
N VAL A 192 -3.90 -4.22 9.04
CA VAL A 192 -4.97 -3.79 8.16
C VAL A 192 -5.76 -5.07 7.88
N ILE A 193 -7.08 -5.02 8.13
CA ILE A 193 -7.95 -6.16 7.82
C ILE A 193 -8.79 -5.78 6.60
N ARG A 194 -8.90 -6.68 5.62
CA ARG A 194 -9.87 -6.40 4.55
C ARG A 194 -10.84 -7.57 4.45
N THR A 195 -12.13 -7.29 4.63
CA THR A 195 -13.14 -8.36 4.53
C THR A 195 -13.72 -8.35 3.12
N GLY A 196 -14.53 -9.37 2.82
CA GLY A 196 -15.23 -9.42 1.54
C GLY A 196 -14.54 -10.15 0.41
N GLY A 197 -13.33 -10.69 0.64
CA GLY A 197 -12.66 -11.50 -0.38
C GLY A 197 -11.67 -10.85 -1.34
N GLU A 198 -11.68 -9.54 -1.52
CA GLU A 198 -10.74 -8.91 -2.49
C GLU A 198 -9.37 -8.74 -1.81
N HIS A 199 -8.27 -8.95 -2.55
CA HIS A 199 -6.95 -8.85 -1.95
C HIS A 199 -6.21 -7.59 -2.46
N ARG A 200 -6.81 -6.42 -2.21
CA ARG A 200 -6.25 -5.17 -2.67
C ARG A 200 -6.42 -4.11 -1.57
N ILE A 201 -5.58 -3.10 -1.62
CA ILE A 201 -5.66 -1.99 -0.68
C ILE A 201 -6.63 -0.95 -1.20
N SER A 202 -6.85 -0.95 -2.52
CA SER A 202 -7.78 -0.03 -3.19
C SER A 202 -7.66 1.45 -2.78
N ASN A 203 -6.43 1.92 -2.72
CA ASN A 203 -6.08 3.30 -2.44
C ASN A 203 -6.63 3.74 -1.10
N PHE A 204 -6.58 2.83 -0.14
CA PHE A 204 -6.93 3.19 1.21
C PHE A 204 -5.54 3.72 1.60
N LEU A 205 -5.13 3.56 2.84
CA LEU A 205 -3.85 4.07 3.34
C LEU A 205 -2.73 3.44 2.51
N LEU A 206 -1.74 4.24 2.16
CA LEU A 206 -0.57 3.73 1.41
C LEU A 206 0.68 4.06 2.21
N TRP A 207 0.91 5.36 2.46
CA TRP A 207 2.07 5.75 3.24
C TRP A 207 2.09 5.05 4.59
N GLN A 208 0.92 5.05 5.23
CA GLN A 208 0.81 4.53 6.59
C GLN A 208 0.91 3.04 6.78
N ILE A 209 0.83 2.29 5.68
CA ILE A 209 0.86 0.83 5.81
C ILE A 209 2.16 0.21 5.38
N ALA A 210 3.19 1.04 5.25
CA ALA A 210 4.54 0.53 4.86
C ALA A 210 5.03 -0.68 5.69
N TYR A 211 4.69 -0.71 6.97
CA TYR A 211 5.17 -1.79 7.82
C TYR A 211 4.04 -2.57 8.52
N ALA A 212 2.80 -2.35 8.10
CA ALA A 212 1.72 -3.04 8.75
C ALA A 212 1.50 -4.48 8.24
N GLU A 213 0.99 -5.31 9.11
CA GLU A 213 0.60 -6.68 8.77
C GLU A 213 -0.71 -6.51 7.94
N LEU A 214 -0.89 -7.30 6.88
CA LEU A 214 -2.09 -7.23 6.01
C LEU A 214 -2.86 -8.56 6.19
N TYR A 215 -4.13 -8.48 6.54
CA TYR A 215 -4.87 -9.69 6.81
C TYR A 215 -6.15 -9.68 5.99
N PHE A 216 -6.29 -10.63 5.09
CA PHE A 216 -7.49 -10.70 4.22
C PHE A 216 -8.41 -11.85 4.55
N THR A 217 -9.72 -11.59 4.60
CA THR A 217 -10.67 -12.66 4.90
C THR A 217 -11.80 -12.59 3.96
N ASP A 218 -12.33 -13.77 3.57
CA ASP A 218 -13.47 -13.85 2.67
C ASP A 218 -14.80 -13.47 3.37
N VAL A 219 -14.79 -13.45 4.70
CA VAL A 219 -16.03 -13.16 5.44
C VAL A 219 -16.67 -11.84 4.98
N LEU A 220 -17.97 -11.81 4.69
CA LEU A 220 -18.63 -10.56 4.26
C LEU A 220 -18.83 -9.65 5.52
N TRP A 221 -18.71 -8.35 5.33
CA TRP A 221 -18.75 -7.43 6.46
C TRP A 221 -19.86 -7.67 7.49
N PRO A 222 -21.11 -7.90 7.03
CA PRO A 222 -22.18 -8.13 8.04
C PRO A 222 -21.95 -9.32 8.97
N ASP A 223 -21.24 -10.35 8.52
CA ASP A 223 -20.95 -11.57 9.31
C ASP A 223 -19.65 -11.46 10.07
N PHE A 224 -18.86 -10.42 9.81
CA PHE A 224 -17.56 -10.29 10.50
C PHE A 224 -17.85 -9.90 11.96
N ASP A 225 -17.62 -10.83 12.88
CA ASP A 225 -17.95 -10.55 14.28
C ASP A 225 -16.73 -10.62 15.24
N GLU A 226 -16.99 -10.61 16.53
CA GLU A 226 -15.92 -10.59 17.48
C GLU A 226 -14.96 -11.72 17.32
N GLN A 227 -15.47 -12.92 17.04
CA GLN A 227 -14.58 -14.07 16.88
C GLN A 227 -13.70 -13.89 15.62
N ASP A 228 -14.24 -13.30 14.55
CA ASP A 228 -13.38 -13.03 13.36
C ASP A 228 -12.31 -11.97 13.69
N PHE A 229 -12.67 -10.98 14.47
CA PHE A 229 -11.70 -9.92 14.83
C PHE A 229 -10.62 -10.55 15.73
N GLU A 230 -11.06 -11.37 16.70
CA GLU A 230 -10.01 -12.02 17.54
C GLU A 230 -9.07 -12.87 16.68
N GLY A 231 -9.62 -13.55 15.67
CA GLY A 231 -8.80 -14.35 14.76
C GLY A 231 -7.74 -13.53 14.05
N ALA A 232 -8.11 -12.32 13.63
CA ALA A 232 -7.14 -11.49 12.96
C ALA A 232 -6.11 -11.03 13.98
N LEU A 233 -6.57 -10.69 15.18
CA LEU A 233 -5.60 -10.20 16.17
C LEU A 233 -4.63 -11.30 16.57
N ASN A 234 -5.11 -12.53 16.60
CA ASN A 234 -4.23 -13.63 17.02
C ASN A 234 -3.27 -13.98 15.89
N ALA A 235 -3.73 -13.81 14.66
CA ALA A 235 -2.89 -14.02 13.50
C ALA A 235 -1.74 -13.00 13.57
N PHE A 236 -2.08 -11.76 13.91
CA PHE A 236 -1.10 -10.69 14.07
C PHE A 236 -0.09 -11.03 15.19
N ALA A 237 -0.59 -11.30 16.38
CA ALA A 237 0.25 -11.64 17.54
C ALA A 237 1.27 -12.70 17.16
N ASN A 238 0.82 -13.72 16.46
CA ASN A 238 1.63 -14.83 15.99
C ASN A 238 2.56 -14.47 14.81
N ARG A 239 2.19 -13.52 13.95
CA ARG A 239 3.06 -13.13 12.83
C ARG A 239 4.10 -12.19 13.39
N GLU A 240 3.88 -11.82 14.65
CA GLU A 240 4.79 -10.96 15.41
C GLU A 240 5.77 -10.13 14.61
N GLY B 17 -5.53 -9.76 -17.94
CA GLY B 17 -4.09 -9.93 -18.43
C GLY B 17 -3.09 -9.16 -17.52
N CYS B 18 -2.23 -9.87 -16.80
CA CYS B 18 -1.29 -9.21 -15.91
C CYS B 18 -0.12 -8.55 -16.70
N ARG B 19 0.11 -7.23 -16.61
CA ARG B 19 1.19 -6.62 -17.39
C ARG B 19 2.49 -6.41 -16.59
N HIS B 20 2.32 -6.18 -15.30
CA HIS B 20 3.49 -5.85 -14.47
C HIS B 20 3.34 -6.54 -13.13
N VAL B 21 4.31 -7.38 -12.83
CA VAL B 21 4.28 -8.11 -11.58
C VAL B 21 5.51 -7.64 -10.77
N ALA B 22 5.30 -7.45 -9.45
CA ALA B 22 6.38 -7.04 -8.56
C ALA B 22 6.54 -8.17 -7.58
N ILE B 23 7.77 -8.54 -7.21
CA ILE B 23 7.88 -9.62 -6.25
C ILE B 23 8.77 -9.27 -5.07
N ILE B 24 8.27 -9.52 -3.85
CA ILE B 24 9.07 -9.34 -2.67
C ILE B 24 9.64 -10.75 -2.43
N MET B 25 10.91 -10.87 -2.70
CA MET B 25 11.60 -12.20 -2.57
C MET B 25 12.11 -12.33 -1.18
N ASP B 26 11.74 -13.42 -0.52
CA ASP B 26 12.17 -13.59 0.85
C ASP B 26 12.25 -15.10 1.16
N GLY B 27 13.15 -15.48 2.07
CA GLY B 27 13.23 -16.88 2.48
C GLY B 27 14.47 -17.70 2.14
N ASN B 28 15.47 -17.06 1.54
CA ASN B 28 16.67 -17.83 1.14
C ASN B 28 17.41 -18.37 2.36
N GLY B 29 17.60 -17.50 3.35
CA GLY B 29 18.26 -17.87 4.60
C GLY B 29 17.50 -18.98 5.34
N ARG B 30 16.18 -18.81 5.53
CA ARG B 30 15.40 -19.84 6.23
C ARG B 30 15.53 -21.13 5.42
N TRP B 31 15.49 -20.99 4.09
CA TRP B 31 15.61 -22.12 3.22
C TRP B 31 16.96 -22.89 3.45
N ALA B 32 18.04 -22.15 3.51
CA ALA B 32 19.38 -22.76 3.67
C ALA B 32 19.47 -23.47 5.02
N LYS B 33 18.95 -22.83 6.06
CA LYS B 33 18.94 -23.42 7.39
C LYS B 33 18.23 -24.79 7.43
N LYS B 34 17.05 -24.87 6.79
CA LYS B 34 16.28 -26.12 6.74
C LYS B 34 17.08 -27.21 5.99
N GLN B 35 18.00 -26.78 5.14
CA GLN B 35 18.79 -27.74 4.41
C GLN B 35 20.07 -28.00 5.25
N GLY B 36 20.22 -27.29 6.35
CA GLY B 36 21.41 -27.42 7.20
C GLY B 36 22.62 -26.80 6.48
N LYS B 37 22.37 -25.77 5.69
CA LYS B 37 23.47 -25.16 4.92
C LYS B 37 23.71 -23.72 5.35
N ILE B 38 24.75 -23.11 4.82
CA ILE B 38 25.04 -21.74 5.20
C ILE B 38 24.31 -20.70 4.32
N ARG B 39 24.32 -19.45 4.76
CA ARG B 39 23.66 -18.37 4.04
C ARG B 39 24.04 -18.29 2.57
N ALA B 40 25.32 -18.52 2.25
CA ALA B 40 25.80 -18.47 0.86
C ALA B 40 25.07 -19.47 -0.03
N PHE B 41 24.77 -20.63 0.54
CA PHE B 41 24.08 -21.67 -0.22
C PHE B 41 22.64 -21.20 -0.59
N GLY B 42 22.00 -20.54 0.36
CA GLY B 42 20.67 -20.00 0.14
C GLY B 42 20.79 -18.92 -0.92
N HIS B 43 21.84 -18.09 -0.88
CA HIS B 43 22.00 -17.07 -1.95
C HIS B 43 22.15 -17.72 -3.32
N LYS B 44 22.92 -18.79 -3.40
CA LYS B 44 23.08 -19.43 -4.71
C LYS B 44 21.75 -19.96 -5.25
N ALA B 45 20.96 -20.55 -4.38
CA ALA B 45 19.70 -21.16 -4.90
C ALA B 45 18.77 -19.97 -5.21
N GLY B 46 18.93 -18.93 -4.43
CA GLY B 46 18.14 -17.71 -4.65
C GLY B 46 18.41 -17.14 -6.03
N ALA B 47 19.68 -17.08 -6.47
CA ALA B 47 19.97 -16.50 -7.78
C ALA B 47 19.35 -17.32 -8.87
N LYS B 48 19.42 -18.63 -8.72
CA LYS B 48 18.79 -19.50 -9.68
C LYS B 48 17.26 -19.25 -9.77
N SER B 49 16.64 -19.00 -8.63
CA SER B 49 15.22 -18.73 -8.62
C SER B 49 14.92 -17.39 -9.31
N VAL B 50 15.77 -16.39 -9.13
CA VAL B 50 15.59 -15.11 -9.88
C VAL B 50 15.67 -15.40 -11.38
N ARG B 51 16.67 -16.16 -11.80
CA ARG B 51 16.81 -16.49 -13.22
C ARG B 51 15.55 -17.17 -13.78
N ARG B 52 15.06 -18.16 -13.05
CA ARG B 52 13.86 -18.87 -13.51
C ARG B 52 12.62 -17.93 -13.54
N ALA B 53 12.51 -17.04 -12.55
CA ALA B 53 11.34 -16.15 -12.53
C ALA B 53 11.38 -15.20 -13.70
N VAL B 54 12.58 -14.68 -13.98
CA VAL B 54 12.75 -13.74 -15.11
C VAL B 54 12.41 -14.46 -16.43
N SER B 55 12.92 -15.68 -16.62
CA SER B 55 12.58 -16.41 -17.83
C SER B 55 11.12 -16.70 -17.92
N PHE B 56 10.52 -17.10 -16.80
CA PHE B 56 9.11 -17.43 -16.83
C PHE B 56 8.27 -16.23 -17.26
N ALA B 57 8.58 -15.08 -16.65
CA ALA B 57 7.83 -13.88 -16.95
C ALA B 57 7.99 -13.46 -18.39
N ALA B 58 9.21 -13.55 -18.89
CA ALA B 58 9.45 -13.11 -20.26
C ALA B 58 8.68 -14.04 -21.21
N ASN B 59 8.69 -15.34 -20.88
CA ASN B 59 8.07 -16.37 -21.75
C ASN B 59 6.56 -16.36 -21.73
N ASN B 60 5.99 -15.76 -20.68
CA ASN B 60 4.56 -15.69 -20.55
C ASN B 60 3.97 -14.27 -20.82
N GLY B 61 4.71 -13.45 -21.54
CA GLY B 61 4.23 -12.15 -21.97
C GLY B 61 4.06 -11.03 -20.97
N ILE B 62 4.63 -11.18 -19.79
CA ILE B 62 4.55 -10.12 -18.79
C ILE B 62 5.46 -9.00 -19.34
N GLU B 63 5.00 -7.75 -19.27
CA GLU B 63 5.74 -6.60 -19.81
C GLU B 63 6.79 -6.06 -18.85
N ALA B 64 6.52 -6.16 -17.54
CA ALA B 64 7.53 -5.67 -16.57
C ALA B 64 7.54 -6.55 -15.32
N LEU B 65 8.74 -6.78 -14.79
CA LEU B 65 8.92 -7.60 -13.60
C LEU B 65 9.82 -6.78 -12.68
N THR B 66 9.35 -6.52 -11.46
CA THR B 66 10.10 -5.72 -10.50
C THR B 66 10.48 -6.57 -9.30
N LEU B 67 11.77 -6.69 -9.02
CA LEU B 67 12.22 -7.58 -7.96
C LEU B 67 12.86 -6.86 -6.78
N TYR B 68 12.40 -7.22 -5.56
CA TYR B 68 12.86 -6.59 -4.33
C TYR B 68 13.36 -7.70 -3.42
N ALA B 69 14.65 -7.67 -3.12
CA ALA B 69 15.30 -8.70 -2.27
C ALA B 69 15.08 -8.23 -0.83
N PHE B 70 14.19 -8.89 -0.09
CA PHE B 70 13.93 -8.50 1.27
C PHE B 70 15.01 -9.12 2.20
N SER B 71 15.62 -8.27 3.02
CA SER B 71 16.61 -8.77 3.95
C SER B 71 16.31 -8.23 5.34
N SER B 72 16.43 -9.09 6.35
CA SER B 72 16.23 -8.68 7.75
C SER B 72 17.60 -8.42 8.38
N SER B 83 30.76 -3.71 0.97
CA SER B 83 31.53 -3.60 -0.31
C SER B 83 31.55 -4.94 -1.05
N ALA B 84 31.57 -6.02 -0.28
CA ALA B 84 31.60 -7.36 -0.85
C ALA B 84 30.46 -7.48 -1.86
N LEU B 85 29.30 -7.04 -1.43
CA LEU B 85 28.11 -7.06 -2.23
C LEU B 85 28.30 -6.11 -3.40
N MET B 86 28.70 -4.87 -3.11
CA MET B 86 28.91 -3.87 -4.12
C MET B 86 29.80 -4.39 -5.24
N GLU B 87 30.79 -5.19 -4.88
CA GLU B 87 31.68 -5.73 -5.89
C GLU B 87 30.97 -6.80 -6.67
N LEU B 88 30.18 -7.61 -5.98
CA LEU B 88 29.46 -8.68 -6.66
C LEU B 88 28.46 -8.04 -7.65
N PHE B 89 27.89 -6.88 -7.28
CA PHE B 89 26.92 -6.15 -8.12
C PHE B 89 27.66 -5.78 -9.42
N VAL B 90 28.92 -5.32 -9.28
CA VAL B 90 29.67 -4.94 -10.47
C VAL B 90 29.91 -6.18 -11.31
N TRP B 91 30.39 -7.23 -10.66
CA TRP B 91 30.64 -8.48 -11.34
C TRP B 91 29.38 -9.00 -12.06
N ALA B 92 28.24 -8.98 -11.36
CA ALA B 92 26.96 -9.44 -11.88
C ALA B 92 26.59 -8.65 -13.15
N LEU B 93 26.67 -7.32 -13.07
CA LEU B 93 26.36 -6.48 -14.23
C LEU B 93 27.31 -6.77 -15.39
N ASP B 94 28.60 -6.81 -15.10
CA ASP B 94 29.56 -7.06 -16.14
C ASP B 94 29.40 -8.42 -16.78
N SER B 95 29.01 -9.41 -16.02
CA SER B 95 28.91 -10.70 -16.68
C SER B 95 27.55 -11.03 -17.25
N GLU B 96 26.49 -10.30 -16.88
CA GLU B 96 25.15 -10.64 -17.43
C GLU B 96 24.44 -9.64 -18.34
N VAL B 97 24.91 -8.41 -18.42
CA VAL B 97 24.18 -7.42 -19.21
C VAL B 97 24.16 -7.73 -20.69
N LYS B 98 25.27 -8.28 -21.22
CA LYS B 98 25.30 -8.61 -22.66
C LYS B 98 24.16 -9.62 -22.95
N SER B 99 23.96 -10.58 -22.04
CA SER B 99 22.92 -11.59 -22.23
C SER B 99 21.55 -10.99 -22.06
N LEU B 100 21.34 -10.15 -21.05
CA LEU B 100 20.03 -9.51 -20.95
C LEU B 100 19.75 -8.69 -22.25
N HIS B 101 20.76 -8.03 -22.81
CA HIS B 101 20.54 -7.20 -24.01
C HIS B 101 20.15 -8.09 -25.18
N ARG B 102 20.88 -9.20 -25.29
CA ARG B 102 20.65 -10.21 -26.30
C ARG B 102 19.20 -10.69 -26.21
N HIS B 103 18.77 -10.92 -24.97
CA HIS B 103 17.38 -11.40 -24.74
C HIS B 103 16.30 -10.34 -24.74
N ASN B 104 16.63 -9.20 -25.31
CA ASN B 104 15.73 -8.05 -25.45
C ASN B 104 15.12 -7.54 -24.11
N VAL B 105 15.88 -7.67 -23.03
CA VAL B 105 15.43 -7.20 -21.73
C VAL B 105 15.92 -5.76 -21.49
N ARG B 106 15.01 -4.93 -20.98
CA ARG B 106 15.41 -3.55 -20.64
C ARG B 106 15.65 -3.57 -19.11
N LEU B 107 16.84 -3.22 -18.68
CA LEU B 107 17.16 -3.26 -17.24
C LEU B 107 17.12 -1.89 -16.58
N ARG B 108 16.50 -1.81 -15.42
CA ARG B 108 16.50 -0.57 -14.65
C ARG B 108 16.77 -0.94 -13.20
N ILE B 109 17.54 -0.09 -12.50
CA ILE B 109 17.76 -0.28 -11.07
C ILE B 109 16.90 0.84 -10.40
N ILE B 110 16.06 0.49 -9.43
CA ILE B 110 15.27 1.52 -8.80
C ILE B 110 15.74 1.60 -7.37
N GLY B 111 15.86 2.82 -6.84
CA GLY B 111 16.34 2.91 -5.46
C GLY B 111 17.42 4.00 -5.31
N ASP B 112 17.88 4.21 -4.08
CA ASP B 112 18.83 5.30 -3.87
C ASP B 112 20.26 4.80 -4.02
N THR B 113 20.76 4.91 -5.23
CA THR B 113 22.13 4.45 -5.53
C THR B 113 23.13 5.62 -5.43
N SER B 114 22.59 6.79 -5.09
CA SER B 114 23.35 8.04 -4.95
C SER B 114 24.61 7.90 -4.12
N ARG B 115 24.62 6.93 -3.20
CA ARG B 115 25.79 6.73 -2.37
C ARG B 115 26.64 5.48 -2.65
N PHE B 116 26.28 4.71 -3.68
CA PHE B 116 27.13 3.56 -4.04
C PHE B 116 28.42 4.21 -4.58
N ASN B 117 29.51 3.44 -4.65
CA ASN B 117 30.72 4.04 -5.17
C ASN B 117 30.52 4.41 -6.64
N SER B 118 31.31 5.39 -7.11
CA SER B 118 31.18 5.85 -8.47
C SER B 118 31.35 4.74 -9.50
N ARG B 119 32.24 3.78 -9.27
CA ARG B 119 32.42 2.75 -10.30
C ARG B 119 31.09 2.00 -10.48
N LEU B 120 30.49 1.64 -9.38
CA LEU B 120 29.24 0.89 -9.48
C LEU B 120 28.16 1.77 -10.08
N GLN B 121 28.10 3.05 -9.67
CA GLN B 121 27.06 3.92 -10.21
C GLN B 121 27.22 4.02 -11.73
N GLU B 122 28.45 4.02 -12.22
CA GLU B 122 28.68 4.09 -13.65
C GLU B 122 28.30 2.76 -14.36
N ARG B 123 28.58 1.62 -13.73
CA ARG B 123 28.20 0.35 -14.37
C ARG B 123 26.65 0.28 -14.46
N ILE B 124 25.97 0.80 -13.44
CA ILE B 124 24.50 0.79 -13.48
C ILE B 124 24.01 1.65 -14.59
N ARG B 125 24.56 2.85 -14.67
CA ARG B 125 24.12 3.77 -15.70
C ARG B 125 24.34 3.22 -17.13
N LYS B 126 25.51 2.65 -17.34
CA LYS B 126 25.90 2.10 -18.64
C LYS B 126 25.00 0.87 -18.97
N SER B 127 24.71 0.08 -17.95
CA SER B 127 23.86 -1.11 -18.13
C SER B 127 22.44 -0.71 -18.51
N GLU B 128 21.93 0.37 -17.92
CA GLU B 128 20.61 0.82 -18.28
C GLU B 128 20.67 1.44 -19.67
N ALA B 129 21.72 2.21 -19.94
CA ALA B 129 21.84 2.84 -21.30
C ALA B 129 21.94 1.78 -22.40
N LEU B 130 22.73 0.75 -22.19
CA LEU B 130 22.87 -0.28 -23.22
C LEU B 130 21.52 -0.98 -23.57
N THR B 131 20.62 -1.09 -22.57
CA THR B 131 19.37 -1.79 -22.80
C THR B 131 18.15 -0.90 -22.90
N ALA B 132 18.38 0.40 -22.83
CA ALA B 132 17.31 1.36 -22.84
C ALA B 132 16.36 1.21 -24.04
N GLY B 133 16.90 0.72 -25.17
CA GLY B 133 16.10 0.59 -26.36
C GLY B 133 15.36 -0.74 -26.49
N ASN B 134 15.65 -1.72 -25.62
CA ASN B 134 14.96 -2.99 -25.79
C ASN B 134 13.48 -2.96 -25.61
N THR B 135 12.81 -3.83 -26.33
CA THR B 135 11.36 -3.86 -26.33
C THR B 135 10.70 -5.10 -25.70
N GLY B 136 11.49 -5.97 -25.07
CA GLY B 136 10.92 -7.15 -24.43
C GLY B 136 10.60 -6.80 -22.98
N LEU B 137 10.86 -7.73 -22.07
CA LEU B 137 10.59 -7.51 -20.66
C LEU B 137 11.40 -6.37 -20.03
N THR B 138 10.74 -5.47 -19.30
CA THR B 138 11.54 -4.50 -18.54
C THR B 138 11.76 -5.16 -17.16
N LEU B 139 13.02 -5.32 -16.76
CA LEU B 139 13.37 -5.92 -15.49
C LEU B 139 13.84 -4.80 -14.57
N ASN B 140 13.08 -4.51 -13.50
CA ASN B 140 13.43 -3.45 -12.54
C ASN B 140 13.98 -4.15 -11.26
N ILE B 141 15.21 -3.82 -10.89
CA ILE B 141 15.79 -4.45 -9.72
C ILE B 141 15.94 -3.37 -8.67
N ALA B 142 15.36 -3.61 -7.51
CA ALA B 142 15.46 -2.65 -6.40
C ALA B 142 16.81 -2.78 -5.71
N ALA B 143 17.47 -1.67 -5.45
CA ALA B 143 18.75 -1.70 -4.76
C ALA B 143 18.65 -0.47 -3.81
N ASN B 144 18.67 -0.69 -2.49
CA ASN B 144 18.54 0.39 -1.49
C ASN B 144 17.30 1.19 -1.81
N TYR B 145 16.22 0.47 -2.06
CA TYR B 145 14.96 1.10 -2.43
C TYR B 145 13.96 1.08 -1.24
N GLY B 146 13.17 2.14 -1.14
CA GLY B 146 12.11 2.18 -0.15
C GLY B 146 10.93 2.93 -0.76
N GLY B 147 9.71 2.48 -0.52
CA GLY B 147 8.57 3.22 -1.08
C GLY B 147 8.38 4.65 -0.63
N ARG B 148 8.69 4.90 0.64
CA ARG B 148 8.57 6.26 1.17
C ARG B 148 9.65 7.15 0.53
N TRP B 149 10.86 6.60 0.38
CA TRP B 149 11.96 7.37 -0.22
C TRP B 149 11.63 7.74 -1.67
N ASP B 150 11.01 6.79 -2.34
CA ASP B 150 10.63 6.95 -3.75
C ASP B 150 9.68 8.13 -3.86
N ILE B 151 8.65 8.13 -3.02
CA ILE B 151 7.67 9.23 -3.01
C ILE B 151 8.43 10.53 -2.67
N VAL B 152 9.28 10.48 -1.65
CA VAL B 152 10.03 11.67 -1.26
C VAL B 152 10.92 12.26 -2.38
N GLN B 153 11.55 11.42 -3.19
CA GLN B 153 12.36 11.95 -4.31
C GLN B 153 11.45 12.64 -5.33
N GLY B 154 10.25 12.10 -5.52
CA GLY B 154 9.29 12.70 -6.44
C GLY B 154 8.86 14.07 -5.86
N VAL B 155 8.64 14.09 -4.56
CA VAL B 155 8.27 15.32 -3.88
C VAL B 155 9.41 16.39 -3.97
N ARG B 156 10.64 16.00 -3.75
CA ARG B 156 11.77 16.95 -3.90
C ARG B 156 11.75 17.60 -5.32
N GLN B 157 11.53 16.77 -6.34
CA GLN B 157 11.46 17.26 -7.70
C GLN B 157 10.35 18.29 -7.88
N LEU B 158 9.19 18.06 -7.29
CA LEU B 158 8.13 19.04 -7.40
C LEU B 158 8.45 20.29 -6.54
N ALA B 159 9.09 20.11 -5.39
CA ALA B 159 9.43 21.30 -4.58
C ALA B 159 10.42 22.21 -5.33
N GLU B 160 11.29 21.60 -6.15
CA GLU B 160 12.29 22.33 -6.94
C GLU B 160 11.59 23.23 -7.95
N LYS B 161 10.51 22.74 -8.55
CA LYS B 161 9.77 23.54 -9.50
C LYS B 161 8.98 24.63 -8.79
N VAL B 162 8.56 24.38 -7.55
CA VAL B 162 7.84 25.42 -6.83
C VAL B 162 8.86 26.54 -6.50
N GLN B 163 10.03 26.13 -6.01
CA GLN B 163 11.10 27.08 -5.64
C GLN B 163 11.61 27.85 -6.87
N GLN B 164 11.60 27.19 -8.03
CA GLN B 164 12.05 27.79 -9.29
C GLN B 164 10.97 28.78 -9.73
N GLY B 165 9.76 28.57 -9.23
CA GLY B 165 8.65 29.43 -9.58
C GLY B 165 7.83 28.94 -10.77
N ASN B 166 8.13 27.74 -11.23
CA ASN B 166 7.41 27.16 -12.36
C ASN B 166 6.19 26.34 -11.93
N LEU B 167 5.90 26.27 -10.63
CA LEU B 167 4.75 25.48 -10.18
C LEU B 167 4.13 25.99 -8.91
N GLN B 168 2.80 26.13 -8.89
CA GLN B 168 2.07 26.58 -7.71
C GLN B 168 1.73 25.37 -6.83
N PRO B 169 1.87 25.51 -5.50
CA PRO B 169 1.54 24.41 -4.59
C PRO B 169 0.16 23.78 -4.88
N ASP B 170 -0.86 24.60 -5.12
CA ASP B 170 -2.19 24.05 -5.35
C ASP B 170 -2.47 23.50 -6.75
N GLN B 171 -1.43 23.33 -7.55
CA GLN B 171 -1.61 22.75 -8.87
C GLN B 171 -1.04 21.34 -8.78
N ILE B 172 -0.45 20.99 -7.62
CA ILE B 172 0.10 19.65 -7.46
C ILE B 172 -1.03 18.68 -7.22
N ASP B 173 -1.14 17.70 -8.10
CA ASP B 173 -2.17 16.71 -7.92
C ASP B 173 -1.63 15.27 -8.09
N GLU B 174 -2.49 14.29 -7.91
CA GLU B 174 -2.03 12.87 -8.02
C GLU B 174 -1.34 12.58 -9.33
N GLU B 175 -1.95 13.04 -10.41
CA GLU B 175 -1.35 12.77 -11.71
C GLU B 175 0.06 13.31 -11.83
N MET B 176 0.28 14.46 -11.23
CA MET B 176 1.59 15.06 -11.32
C MET B 176 2.61 14.31 -10.48
N LEU B 177 2.23 13.92 -9.25
CA LEU B 177 3.21 13.20 -8.44
C LEU B 177 3.44 11.84 -9.08
N ASN B 178 2.38 11.27 -9.65
CA ASN B 178 2.51 9.97 -10.30
C ASN B 178 3.62 10.02 -11.37
N GLN B 179 3.81 11.20 -11.98
CA GLN B 179 4.82 11.37 -13.02
C GLN B 179 6.23 11.46 -12.52
N HIS B 180 6.35 11.51 -11.19
CA HIS B 180 7.64 11.59 -10.56
C HIS B 180 8.01 10.48 -9.60
N VAL B 181 7.30 9.34 -9.63
CA VAL B 181 7.70 8.20 -8.80
C VAL B 181 8.32 7.13 -9.71
N CYS B 182 9.10 6.25 -9.15
CA CYS B 182 9.78 5.22 -9.97
C CYS B 182 8.79 4.44 -10.81
N MET B 183 9.23 4.10 -12.04
CA MET B 183 8.48 3.29 -12.99
C MET B 183 7.25 3.92 -13.62
N HIS B 184 7.12 5.24 -13.54
CA HIS B 184 5.93 5.89 -14.10
C HIS B 184 5.88 5.68 -15.59
N GLU B 185 7.01 5.33 -16.20
CA GLU B 185 6.99 5.11 -17.67
C GLU B 185 6.47 3.73 -18.09
N LEU B 186 6.19 2.86 -17.14
CA LEU B 186 5.73 1.48 -17.43
C LEU B 186 4.28 1.21 -17.08
N ALA B 187 3.81 0.03 -17.46
CA ALA B 187 2.44 -0.33 -17.08
C ALA B 187 2.37 -0.29 -15.56
N PRO B 188 1.19 0.05 -15.03
CA PRO B 188 0.92 0.12 -13.59
C PRO B 188 1.16 -1.28 -13.02
N VAL B 189 1.67 -1.38 -11.79
CA VAL B 189 1.87 -2.68 -11.14
C VAL B 189 0.50 -3.35 -10.93
N ASP B 190 0.33 -4.52 -11.51
CA ASP B 190 -0.98 -5.19 -11.39
C ASP B 190 -1.04 -6.18 -10.25
N LEU B 191 0.11 -6.75 -9.93
CA LEU B 191 0.16 -7.85 -8.97
C LEU B 191 1.44 -7.80 -8.20
N VAL B 192 1.32 -7.88 -6.87
CA VAL B 192 2.52 -7.91 -5.99
C VAL B 192 2.52 -9.30 -5.35
N ILE B 193 3.61 -10.01 -5.49
CA ILE B 193 3.70 -11.34 -4.90
C ILE B 193 4.74 -11.23 -3.73
N ARG B 194 4.45 -11.77 -2.52
CA ARG B 194 5.52 -11.82 -1.51
C ARG B 194 5.68 -13.30 -1.08
N THR B 195 6.90 -13.82 -1.23
CA THR B 195 7.17 -15.19 -0.81
C THR B 195 7.75 -15.17 0.59
N GLY B 196 7.95 -16.37 1.17
CA GLY B 196 8.58 -16.43 2.46
C GLY B 196 7.62 -16.41 3.63
N GLY B 197 6.32 -16.21 3.39
CA GLY B 197 5.38 -16.23 4.51
C GLY B 197 4.99 -14.96 5.25
N GLU B 198 5.71 -13.86 5.12
CA GLU B 198 5.28 -12.62 5.83
C GLU B 198 4.17 -11.93 5.04
N HIS B 199 3.28 -11.23 5.73
CA HIS B 199 2.17 -10.57 5.04
C HIS B 199 2.33 -9.06 5.23
N ARG B 200 3.42 -8.51 4.71
CA ARG B 200 3.67 -7.08 4.86
C ARG B 200 4.32 -6.66 3.59
N ILE B 201 4.20 -5.38 3.30
CA ILE B 201 4.81 -4.72 2.12
C ILE B 201 6.26 -4.33 2.44
N SER B 202 6.54 -4.08 3.71
CA SER B 202 7.87 -3.74 4.19
C SER B 202 8.51 -2.56 3.44
N ASN B 203 7.71 -1.51 3.19
CA ASN B 203 8.23 -0.32 2.55
C ASN B 203 8.88 -0.62 1.18
N PHE B 204 8.27 -1.58 0.46
CA PHE B 204 8.61 -1.79 -0.94
C PHE B 204 7.67 -0.71 -1.56
N LEU B 205 7.13 -0.93 -2.75
CA LEU B 205 6.26 0.05 -3.42
C LEU B 205 5.03 0.39 -2.56
N LEU B 206 4.70 1.67 -2.54
CA LEU B 206 3.51 2.10 -1.78
C LEU B 206 2.59 2.84 -2.74
N TRP B 207 3.08 3.97 -3.27
CA TRP B 207 2.26 4.75 -4.19
C TRP B 207 1.76 3.83 -5.35
N GLN B 208 2.69 3.08 -5.89
CA GLN B 208 2.43 2.20 -7.03
C GLN B 208 1.51 1.02 -6.81
N ILE B 209 1.29 0.61 -5.59
CA ILE B 209 0.42 -0.56 -5.43
C ILE B 209 -0.98 -0.22 -4.97
N ALA B 210 -1.37 1.06 -5.16
CA ALA B 210 -2.70 1.52 -4.75
C ALA B 210 -3.84 0.61 -5.27
N TYR B 211 -3.69 0.09 -6.48
CA TYR B 211 -4.78 -0.76 -7.02
C TYR B 211 -4.38 -2.21 -7.37
N ALA B 212 -3.19 -2.61 -6.97
CA ALA B 212 -2.69 -3.94 -7.26
C ALA B 212 -3.28 -5.07 -6.44
N GLU B 213 -3.34 -6.23 -7.06
CA GLU B 213 -3.73 -7.46 -6.36
C GLU B 213 -2.45 -7.81 -5.55
N LEU B 214 -2.63 -8.21 -4.29
CA LEU B 214 -1.57 -8.61 -3.37
C LEU B 214 -1.71 -10.15 -3.18
N TYR B 215 -0.60 -10.89 -3.30
CA TYR B 215 -0.64 -12.37 -3.24
C TYR B 215 0.52 -12.87 -2.36
N PHE B 216 0.17 -13.53 -1.24
CA PHE B 216 1.18 -13.99 -0.30
C PHE B 216 1.26 -15.51 -0.38
N THR B 217 2.49 -16.02 -0.34
CA THR B 217 2.68 -17.46 -0.34
C THR B 217 3.76 -17.76 0.67
N ASP B 218 3.60 -18.87 1.39
CA ASP B 218 4.62 -19.27 2.38
C ASP B 218 5.85 -19.89 1.70
N VAL B 219 5.75 -20.22 0.42
CA VAL B 219 6.88 -20.83 -0.30
C VAL B 219 8.13 -19.95 -0.14
N LEU B 220 9.29 -20.58 0.13
CA LEU B 220 10.52 -19.78 0.35
C LEU B 220 11.11 -19.47 -1.00
N TRP B 221 11.77 -18.33 -1.12
CA TRP B 221 12.23 -17.93 -2.44
C TRP B 221 12.93 -18.98 -3.31
N PRO B 222 13.86 -19.75 -2.73
CA PRO B 222 14.55 -20.76 -3.57
C PRO B 222 13.65 -21.81 -4.22
N ASP B 223 12.54 -22.09 -3.55
CA ASP B 223 11.57 -23.06 -4.00
C ASP B 223 10.49 -22.44 -4.91
N PHE B 224 10.43 -21.11 -4.97
CA PHE B 224 9.41 -20.47 -5.77
C PHE B 224 9.66 -20.80 -7.25
N ASP B 225 8.78 -21.58 -7.86
CA ASP B 225 9.04 -22.00 -9.24
C ASP B 225 7.96 -21.62 -10.23
N GLU B 226 8.02 -22.18 -11.45
CA GLU B 226 7.02 -21.81 -12.48
C GLU B 226 5.59 -22.12 -12.04
N GLN B 227 5.40 -23.24 -11.35
CA GLN B 227 4.06 -23.58 -10.87
C GLN B 227 3.58 -22.56 -9.82
N ASP B 228 4.49 -22.12 -8.96
CA ASP B 228 4.09 -21.14 -7.93
C ASP B 228 3.75 -19.77 -8.56
N PHE B 229 4.56 -19.38 -9.54
CA PHE B 229 4.37 -18.11 -10.25
C PHE B 229 3.03 -18.21 -11.06
N GLU B 230 2.81 -19.32 -11.74
CA GLU B 230 1.54 -19.52 -12.45
C GLU B 230 0.35 -19.41 -11.48
N GLY B 231 0.47 -19.99 -10.28
CA GLY B 231 -0.62 -19.89 -9.33
C GLY B 231 -0.95 -18.45 -9.01
N ALA B 232 0.07 -17.62 -8.85
CA ALA B 232 -0.22 -16.21 -8.57
C ALA B 232 -0.86 -15.56 -9.83
N LEU B 233 -0.36 -15.88 -11.01
CA LEU B 233 -0.94 -15.28 -12.21
C LEU B 233 -2.38 -15.71 -12.44
N ASN B 234 -2.66 -17.00 -12.20
CA ASN B 234 -4.04 -17.49 -12.42
C ASN B 234 -4.93 -16.86 -11.41
N ALA B 235 -4.45 -16.74 -10.18
CA ALA B 235 -5.27 -16.10 -9.16
C ALA B 235 -5.57 -14.64 -9.55
N PHE B 236 -4.58 -13.94 -10.10
CA PHE B 236 -4.84 -12.54 -10.51
C PHE B 236 -5.99 -12.48 -11.57
N ALA B 237 -5.85 -13.31 -12.60
CA ALA B 237 -6.81 -13.35 -13.71
C ALA B 237 -8.21 -13.69 -13.20
N ASN B 238 -8.34 -14.71 -12.33
CA ASN B 238 -9.63 -15.07 -11.77
C ASN B 238 -10.19 -13.91 -10.94
N ARG B 239 -9.35 -13.27 -10.12
CA ARG B 239 -9.84 -12.14 -9.35
C ARG B 239 -10.22 -11.01 -10.24
N GLU B 240 -9.51 -10.78 -11.33
CA GLU B 240 -9.92 -9.75 -12.27
C GLU B 240 -11.34 -10.05 -12.77
N ARG B 241 -11.65 -11.33 -12.96
CA ARG B 241 -12.96 -11.75 -13.45
C ARG B 241 -14.05 -11.51 -12.39
N ARG B 242 -13.75 -11.89 -11.16
CA ARG B 242 -14.66 -11.74 -10.05
C ARG B 242 -14.75 -10.29 -9.52
N PHE B 243 -13.65 -9.56 -9.45
CA PHE B 243 -13.74 -8.23 -8.87
C PHE B 243 -13.53 -7.11 -9.84
#